data_4QAF
#
_entry.id   4QAF
#
_cell.length_a   88.210
_cell.length_b   88.210
_cell.length_c   103.421
_cell.angle_alpha   90.000
_cell.angle_beta   90.000
_cell.angle_gamma   120.000
#
_symmetry.space_group_name_H-M   'P 32 2 1'
#
loop_
_entity.id
_entity.type
_entity.pdbx_description
1 polymer Lipocalin-1
2 polymer 'Vascular endothelial growth factor A'
3 non-polymer '10-{(1R,2R)-2-[(2E)-hex-2-en-1-yl]cyclopropyl}decanoic acid'
4 non-polymer 'SULFATE ION'
5 non-polymer 'ACETATE ION'
6 water water
#
loop_
_entity_poly.entity_id
_entity_poly.type
_entity_poly.pdbx_seq_one_letter_code
_entity_poly.pdbx_strand_id
1 'polypeptide(L)'
;ASDEEIQDVSGTWYLKAMTVDVGALRCLAGSVIPTTLTTLEGGNLEAKVTMHIKGRSQEVKAVLSKTDEPGIYTAIGGIH
VAKIGRSHVKDHYIFYSEGCLSGVPVPGVWLVGRDPKNNLEALEDFEKAAGARGLSTESILIPRQSETSSPG
;
A,B
2 'polypeptide(L)'
;GQNHHEVVKFMDVYQRSYCHPIETLVDIFQEYPDEIEYIFKPSCVPLMRCGGCCNDEGLECVPTEESNITMQIMRIKPHQ
GQHIGEMSFLQHNKCECRPKKDSAWSHPQFEK
;
C,D
#
# COMPACT_ATOMS: atom_id res chain seq x y z
N GLU A 4 3.41 6.49 29.81
CA GLU A 4 3.27 5.40 30.82
C GLU A 4 1.81 4.99 30.91
N GLU A 5 1.52 3.69 30.76
CA GLU A 5 0.12 3.24 30.76
C GLU A 5 0.18 1.80 31.17
N ILE A 6 -1.00 1.23 31.44
CA ILE A 6 -1.09 -0.18 31.80
C ILE A 6 -0.66 -0.99 30.63
N GLN A 7 0.30 -1.88 30.88
CA GLN A 7 0.91 -2.69 29.83
C GLN A 7 0.24 -4.03 29.85
N ASP A 8 0.47 -4.83 28.80
CA ASP A 8 -0.02 -6.22 28.73
C ASP A 8 -1.54 -6.33 28.75
N VAL A 9 -2.22 -5.42 28.03
CA VAL A 9 -3.70 -5.56 27.90
C VAL A 9 -4.03 -6.45 26.70
N SER A 10 -3.20 -6.42 25.64
CA SER A 10 -3.39 -7.35 24.51
C SER A 10 -3.29 -8.82 24.90
N GLY A 11 -4.16 -9.66 24.34
CA GLY A 11 -4.19 -11.10 24.65
C GLY A 11 -5.60 -11.66 24.77
N THR A 12 -5.74 -12.83 25.42
CA THR A 12 -7.03 -13.46 25.55
C THR A 12 -7.51 -13.37 26.95
N TRP A 13 -8.76 -12.93 27.13
CA TRP A 13 -9.30 -12.62 28.46
C TRP A 13 -10.69 -13.28 28.49
N TYR A 14 -11.20 -13.55 29.70
CA TYR A 14 -12.52 -14.11 29.91
C TYR A 14 -13.32 -13.20 30.82
N LEU A 15 -14.58 -12.99 30.45
CA LEU A 15 -15.44 -12.15 31.21
C LEU A 15 -15.78 -12.81 32.53
N LYS A 16 -15.60 -12.08 33.60
CA LYS A 16 -15.96 -12.56 34.93
C LYS A 16 -17.27 -11.87 35.36
N ALA A 17 -17.42 -10.58 35.02
CA ALA A 17 -18.65 -9.80 35.35
C ALA A 17 -18.80 -8.65 34.41
N MET A 18 -20.03 -8.27 34.13
CA MET A 18 -20.27 -7.15 33.24
C MET A 18 -21.54 -6.49 33.75
N THR A 19 -21.69 -5.17 33.55
CA THR A 19 -22.82 -4.45 34.21
C THR A 19 -24.06 -4.23 33.31
N VAL A 20 -24.04 -4.86 32.14
CA VAL A 20 -25.15 -4.84 31.22
C VAL A 20 -25.59 -6.28 30.97
N ASP A 21 -26.86 -6.42 30.61
CA ASP A 21 -27.45 -7.70 30.36
C ASP A 21 -27.02 -8.14 28.97
N VAL A 22 -26.33 -9.23 28.89
CA VAL A 22 -25.92 -9.69 27.57
C VAL A 22 -26.65 -10.98 27.24
N GLY A 23 -27.86 -11.08 27.82
CA GLY A 23 -28.96 -11.92 27.32
C GLY A 23 -28.65 -12.91 26.23
N ALA A 24 -29.18 -12.68 25.03
CA ALA A 24 -29.03 -13.62 23.93
C ALA A 24 -27.63 -13.51 23.28
N LEU A 25 -26.81 -12.59 23.78
CA LEU A 25 -25.64 -12.18 22.98
C LEU A 25 -24.61 -13.29 22.85
N ARG A 26 -24.05 -13.45 21.66
CA ARG A 26 -22.94 -14.37 21.48
C ARG A 26 -21.65 -13.65 20.94
N CYS A 27 -21.84 -12.51 20.29
CA CYS A 27 -20.66 -11.87 19.63
C CYS A 27 -20.50 -10.46 20.17
N LEU A 28 -19.49 -10.27 21.00
CA LEU A 28 -19.22 -8.95 21.59
C LEU A 28 -17.93 -8.51 20.92
N ALA A 29 -17.92 -7.32 20.32
CA ALA A 29 -16.71 -6.87 19.57
C ALA A 29 -16.73 -5.36 19.53
N GLY A 30 -15.60 -4.76 19.10
CA GLY A 30 -15.58 -3.32 18.99
C GLY A 30 -14.18 -2.77 18.83
N SER A 31 -14.11 -1.46 18.73
CA SER A 31 -12.85 -0.76 18.55
C SER A 31 -13.02 0.41 19.49
N VAL A 32 -12.29 0.42 20.64
CA VAL A 32 -12.59 1.38 21.72
C VAL A 32 -11.32 1.91 22.33
N ILE A 33 -11.41 3.16 22.76
CA ILE A 33 -10.52 3.74 23.78
C ILE A 33 -11.27 3.72 25.08
N PRO A 34 -10.90 2.85 26.03
CA PRO A 34 -11.64 2.71 27.24
C PRO A 34 -11.69 4.00 28.04
N THR A 35 -12.83 4.26 28.64
CA THR A 35 -13.00 5.39 29.51
C THR A 35 -12.09 5.21 30.72
N THR A 36 -11.94 3.97 31.21
CA THR A 36 -11.00 3.72 32.36
C THR A 36 -10.59 2.27 32.23
N LEU A 37 -9.37 1.96 32.66
CA LEU A 37 -8.88 0.61 32.62
C LEU A 37 -8.12 0.52 33.98
N THR A 38 -8.38 -0.54 34.72
CA THR A 38 -7.82 -0.68 36.08
C THR A 38 -7.23 -2.06 36.26
N THR A 39 -6.01 -2.18 36.75
CA THR A 39 -5.47 -3.53 37.05
C THR A 39 -5.95 -3.82 38.48
N LEU A 40 -6.59 -4.96 38.64
CA LEU A 40 -7.13 -5.35 39.94
C LEU A 40 -6.07 -6.19 40.63
N GLU A 41 -6.12 -6.14 41.94
CA GLU A 41 -5.27 -7.00 42.77
C GLU A 41 -5.43 -8.44 42.27
N GLY A 42 -4.34 -9.02 41.76
CA GLY A 42 -4.34 -10.42 41.20
C GLY A 42 -4.08 -10.50 39.69
N GLY A 43 -4.21 -9.37 38.99
CA GLY A 43 -3.82 -9.34 37.56
C GLY A 43 -5.08 -9.29 36.67
N ASN A 44 -6.27 -9.44 37.27
CA ASN A 44 -7.54 -9.18 36.51
C ASN A 44 -7.66 -7.68 36.06
N LEU A 45 -8.44 -7.44 35.05
CA LEU A 45 -8.55 -6.11 34.48
C LEU A 45 -9.99 -5.68 34.56
N GLU A 46 -10.24 -4.42 34.95
CA GLU A 46 -11.58 -3.92 34.89
C GLU A 46 -11.63 -2.79 33.82
N ALA A 47 -12.62 -2.85 32.90
CA ALA A 47 -12.71 -1.87 31.78
C ALA A 47 -14.00 -1.16 31.95
N LYS A 48 -13.96 0.17 31.82
CA LYS A 48 -15.19 0.93 31.69
C LYS A 48 -15.26 1.55 30.29
N VAL A 49 -16.39 1.38 29.60
CA VAL A 49 -16.50 1.85 28.22
C VAL A 49 -17.86 2.56 28.17
N THR A 50 -17.89 3.69 27.49
CA THR A 50 -19.08 4.57 27.63
C THR A 50 -19.82 4.56 26.30
N MET A 51 -20.87 3.74 26.23
CA MET A 51 -21.59 3.36 25.00
C MET A 51 -23.08 3.77 25.02
N HIS A 52 -23.88 3.18 24.12
CA HIS A 52 -25.28 3.60 23.87
C HIS A 52 -26.28 2.47 23.69
N ILE A 53 -26.85 1.97 24.80
CA ILE A 53 -27.79 0.83 24.77
C ILE A 53 -29.22 1.24 24.40
N LYS A 54 -29.84 0.47 23.51
CA LYS A 54 -31.25 0.65 23.10
C LYS A 54 -31.74 2.12 23.05
N GLY A 55 -30.86 3.03 22.64
CA GLY A 55 -31.14 4.47 22.57
C GLY A 55 -29.98 5.40 22.90
N ARG A 56 -30.04 6.01 24.09
CA ARG A 56 -29.05 7.02 24.56
C ARG A 56 -27.84 6.39 25.29
N SER A 57 -26.89 7.22 25.74
CA SER A 57 -25.52 6.74 26.08
C SER A 57 -25.15 6.46 27.57
N GLN A 58 -24.65 5.24 27.82
CA GLN A 58 -24.42 4.66 29.16
C GLN A 58 -22.98 4.16 29.33
N GLU A 59 -22.52 4.01 30.56
CA GLU A 59 -21.21 3.38 30.75
C GLU A 59 -21.28 1.99 31.37
N VAL A 60 -20.60 1.07 30.70
CA VAL A 60 -20.63 -0.33 31.00
C VAL A 60 -19.27 -0.68 31.60
N LYS A 61 -19.28 -1.46 32.68
CA LYS A 61 -18.01 -1.95 33.28
C LYS A 61 -17.93 -3.46 33.02
N ALA A 62 -16.72 -3.97 32.76
CA ALA A 62 -16.56 -5.41 32.68
C ALA A 62 -15.33 -5.76 33.49
N VAL A 63 -15.32 -6.93 34.15
CA VAL A 63 -14.09 -7.45 34.78
C VAL A 63 -13.64 -8.66 33.99
N LEU A 64 -12.36 -8.67 33.59
CA LEU A 64 -11.84 -9.67 32.70
C LEU A 64 -10.72 -10.39 33.46
N SER A 65 -10.59 -11.67 33.15
CA SER A 65 -9.53 -12.47 33.83
C SER A 65 -8.82 -13.30 32.84
N LYS A 66 -7.53 -13.62 33.14
CA LYS A 66 -6.83 -14.58 32.29
C LYS A 66 -7.28 -16.01 32.53
N THR A 67 -8.03 -16.24 33.59
CA THR A 67 -8.55 -17.58 33.90
C THR A 67 -10.05 -17.66 33.60
N ASP A 68 -10.49 -18.73 32.96
CA ASP A 68 -11.89 -18.84 32.55
C ASP A 68 -12.65 -19.43 33.76
N GLU A 69 -13.85 -18.96 34.02
CA GLU A 69 -14.70 -19.48 35.07
C GLU A 69 -15.82 -20.15 34.32
N PRO A 70 -15.93 -21.49 34.37
CA PRO A 70 -17.11 -22.02 33.67
C PRO A 70 -18.36 -21.38 34.30
N GLY A 71 -19.03 -20.45 33.59
CA GLY A 71 -20.01 -19.51 34.18
C GLY A 71 -21.15 -19.05 33.26
N ILE A 72 -21.59 -17.79 33.38
CA ILE A 72 -22.82 -17.25 32.70
C ILE A 72 -22.51 -16.59 31.33
N TYR A 73 -21.23 -16.48 31.07
CA TYR A 73 -20.76 -15.82 29.82
C TYR A 73 -20.23 -16.86 28.83
N THR A 74 -20.60 -18.13 28.99
CA THR A 74 -20.05 -19.17 28.14
C THR A 74 -20.36 -18.99 26.64
N ALA A 75 -21.54 -18.50 26.29
CA ALA A 75 -21.91 -18.40 24.87
C ALA A 75 -21.02 -17.30 24.20
N ILE A 76 -20.63 -16.29 24.98
CA ILE A 76 -19.82 -15.19 24.46
C ILE A 76 -18.41 -15.64 24.10
N GLY A 77 -17.82 -16.50 24.92
CA GLY A 77 -16.50 -17.07 24.62
C GLY A 77 -15.36 -16.11 25.05
N GLY A 78 -14.15 -16.59 24.97
CA GLY A 78 -12.94 -15.77 25.28
C GLY A 78 -12.88 -14.49 24.43
N ILE A 79 -12.41 -13.40 25.05
CA ILE A 79 -12.33 -12.09 24.42
C ILE A 79 -10.89 -11.89 23.95
N HIS A 80 -10.68 -11.75 22.67
CA HIS A 80 -9.37 -11.47 22.08
C HIS A 80 -9.19 -10.00 21.94
N VAL A 81 -8.10 -9.46 22.49
CA VAL A 81 -7.89 -7.99 22.54
C VAL A 81 -6.57 -7.66 21.91
N ALA A 82 -6.51 -6.64 21.05
CA ALA A 82 -5.19 -6.29 20.47
C ALA A 82 -5.19 -4.75 20.40
N LYS A 83 -4.03 -4.15 20.52
CA LYS A 83 -3.86 -2.67 20.40
C LYS A 83 -3.90 -2.39 18.90
N ILE A 84 -4.50 -1.31 18.45
CA ILE A 84 -4.50 -1.03 17.03
C ILE A 84 -3.14 -0.34 16.91
N GLY A 85 -2.14 -1.04 16.38
CA GLY A 85 -0.76 -0.59 16.49
C GLY A 85 -0.53 0.59 15.56
N ARG A 86 -1.44 0.79 14.60
CA ARG A 86 -1.28 1.85 13.57
C ARG A 86 -2.01 3.11 14.01
N SER A 87 -2.72 2.99 15.14
CA SER A 87 -3.18 4.15 15.93
C SER A 87 -2.03 4.65 16.84
N HIS A 88 -0.85 4.87 16.25
CA HIS A 88 0.37 5.32 16.94
C HIS A 88 0.71 4.51 18.21
N VAL A 89 0.77 5.17 19.37
CA VAL A 89 0.95 4.48 20.68
C VAL A 89 -0.35 4.62 21.51
N LYS A 90 -0.41 3.96 22.67
CA LYS A 90 -1.46 4.23 23.66
C LYS A 90 -2.52 3.12 23.77
N ASP A 91 -3.78 3.52 23.75
CA ASP A 91 -4.85 2.81 24.44
C ASP A 91 -6.10 2.66 23.55
N HIS A 92 -5.88 2.49 22.25
CA HIS A 92 -6.97 2.19 21.30
C HIS A 92 -6.90 0.70 21.02
N TYR A 93 -7.98 0.00 21.37
CA TYR A 93 -7.98 -1.46 21.25
C TYR A 93 -9.03 -1.96 20.31
N ILE A 94 -8.74 -3.07 19.67
CA ILE A 94 -9.80 -3.82 18.98
C ILE A 94 -10.05 -5.12 19.77
N PHE A 95 -11.33 -5.55 19.86
CA PHE A 95 -11.55 -6.86 20.47
C PHE A 95 -12.67 -7.61 19.77
N TYR A 96 -12.66 -8.92 19.92
CA TYR A 96 -13.88 -9.67 19.57
C TYR A 96 -13.94 -10.92 20.40
N SER A 97 -15.14 -11.45 20.56
CA SER A 97 -15.28 -12.69 21.37
C SER A 97 -15.33 -13.96 20.52
N GLU A 98 -15.02 -15.09 21.12
CA GLU A 98 -15.00 -16.36 20.38
C GLU A 98 -16.36 -16.72 19.77
N GLY A 99 -17.44 -16.34 20.43
CA GLY A 99 -18.77 -16.61 19.91
C GLY A 99 -19.02 -15.89 18.55
N CYS A 100 -18.21 -14.91 18.22
CA CYS A 100 -18.36 -14.27 16.87
C CYS A 100 -17.92 -15.20 15.71
N LEU A 101 -17.09 -16.20 15.97
CA LEU A 101 -16.65 -17.08 14.91
C LEU A 101 -17.80 -18.07 14.63
N SER A 102 -18.57 -17.75 13.61
CA SER A 102 -19.80 -18.47 13.25
C SER A 102 -20.01 -18.31 11.77
N GLY A 103 -20.49 -19.38 11.10
CA GLY A 103 -20.83 -19.29 9.68
C GLY A 103 -22.05 -18.40 9.43
N VAL A 104 -22.89 -18.17 10.46
CA VAL A 104 -24.10 -17.36 10.37
C VAL A 104 -24.10 -16.18 11.34
N PRO A 105 -24.89 -15.09 11.08
CA PRO A 105 -24.96 -13.99 11.98
C PRO A 105 -25.59 -14.49 13.28
N VAL A 106 -25.07 -13.91 14.36
CA VAL A 106 -25.50 -14.26 15.75
C VAL A 106 -25.78 -12.97 16.44
N PRO A 107 -26.59 -13.00 17.56
CA PRO A 107 -26.85 -11.75 18.22
C PRO A 107 -25.53 -11.16 18.77
N GLY A 108 -25.37 -9.88 18.59
CA GLY A 108 -24.11 -9.21 18.97
C GLY A 108 -24.17 -7.73 19.10
N VAL A 109 -23.06 -7.14 19.53
CA VAL A 109 -22.91 -5.66 19.57
C VAL A 109 -21.54 -5.34 19.00
N TRP A 110 -21.44 -4.20 18.35
CA TRP A 110 -20.17 -3.65 17.90
C TRP A 110 -20.04 -2.32 18.56
N LEU A 111 -19.02 -2.15 19.39
CA LEU A 111 -18.79 -0.89 20.08
C LEU A 111 -17.91 0.02 19.26
N VAL A 112 -18.39 1.24 18.96
CA VAL A 112 -17.69 2.14 17.99
C VAL A 112 -16.83 3.17 18.68
N GLU B 6 -4.10 -19.93 2.87
CA GLU B 6 -4.75 -20.07 4.22
C GLU B 6 -5.35 -18.74 4.72
N VAL B 7 -6.31 -18.87 5.62
CA VAL B 7 -7.20 -17.76 5.92
C VAL B 7 -6.51 -16.66 6.70
N VAL B 8 -6.68 -15.39 6.27
CA VAL B 8 -6.12 -14.29 7.05
C VAL B 8 -6.99 -14.02 8.22
N LYS B 9 -6.41 -14.02 9.43
CA LYS B 9 -7.24 -13.97 10.63
C LYS B 9 -7.71 -12.54 10.82
N PHE B 10 -8.85 -12.41 11.50
CA PHE B 10 -9.50 -11.08 11.69
C PHE B 10 -8.60 -9.98 12.23
N MET B 11 -7.86 -10.24 13.33
CA MET B 11 -7.07 -9.18 13.88
C MET B 11 -5.94 -8.74 12.90
N ASP B 12 -5.40 -9.68 12.15
CA ASP B 12 -4.35 -9.36 11.16
CA ASP B 12 -4.35 -9.40 11.14
C ASP B 12 -4.91 -8.49 10.04
N VAL B 13 -6.09 -8.84 9.52
CA VAL B 13 -6.73 -8.00 8.48
C VAL B 13 -6.96 -6.61 9.06
N TYR B 14 -7.54 -6.54 10.24
CA TYR B 14 -7.90 -5.24 10.81
C TYR B 14 -6.65 -4.33 11.03
N GLN B 15 -5.56 -4.91 11.55
CA GLN B 15 -4.36 -4.16 11.82
C GLN B 15 -3.71 -3.74 10.53
N ARG B 16 -3.77 -4.59 9.54
CA ARG B 16 -3.15 -4.24 8.24
C ARG B 16 -3.89 -3.23 7.44
N SER B 17 -5.21 -3.16 7.61
CA SER B 17 -5.96 -2.26 6.80
C SER B 17 -6.21 -0.88 7.42
N TYR B 18 -6.00 -0.75 8.72
CA TYR B 18 -6.31 0.49 9.40
C TYR B 18 -5.41 1.66 8.92
N CYS B 19 -6.07 2.77 8.59
CA CYS B 19 -5.43 4.05 8.22
C CYS B 19 -3.95 4.17 8.58
N HIS B 20 -3.10 4.24 7.55
CA HIS B 20 -1.66 4.47 7.84
C HIS B 20 -1.01 4.80 6.53
N PRO B 21 0.28 5.21 6.56
CA PRO B 21 0.87 5.62 5.23
C PRO B 21 1.28 4.38 4.47
N ILE B 22 0.93 4.33 3.18
CA ILE B 22 1.25 3.14 2.40
C ILE B 22 1.84 3.61 1.02
N GLU B 23 2.78 2.85 0.46
CA GLU B 23 3.31 3.25 -0.86
CA GLU B 23 3.32 3.17 -0.89
C GLU B 23 2.14 3.20 -1.87
N THR B 24 2.00 4.31 -2.62
CA THR B 24 0.92 4.57 -3.51
C THR B 24 1.54 5.08 -4.81
N LEU B 25 1.12 4.54 -5.94
CA LEU B 25 1.72 5.01 -7.21
C LEU B 25 0.96 6.16 -7.76
N VAL B 26 1.61 7.32 -7.84
CA VAL B 26 0.93 8.57 -8.15
C VAL B 26 1.46 9.09 -9.47
N ASP B 27 0.57 9.47 -10.39
CA ASP B 27 0.97 10.12 -11.69
C ASP B 27 1.59 11.45 -11.40
N ILE B 28 2.76 11.70 -11.99
CA ILE B 28 3.46 12.95 -11.74
C ILE B 28 2.56 14.17 -12.16
N PHE B 29 1.74 13.98 -13.18
CA PHE B 29 0.85 15.11 -13.63
C PHE B 29 -0.18 15.50 -12.57
N GLN B 30 -0.56 14.57 -11.71
CA GLN B 30 -1.36 14.91 -10.53
C GLN B 30 -0.63 15.80 -9.52
N GLU B 31 0.69 15.66 -9.37
CA GLU B 31 1.47 16.47 -8.46
C GLU B 31 1.93 17.78 -9.07
N TYR B 32 2.01 17.82 -10.40
CA TYR B 32 2.63 18.95 -11.17
C TYR B 32 1.67 19.27 -12.33
N PRO B 33 0.45 19.69 -11.96
CA PRO B 33 -0.58 19.78 -13.00
C PRO B 33 -0.31 20.92 -14.00
N ASP B 34 0.53 21.88 -13.67
CA ASP B 34 0.93 22.90 -14.69
C ASP B 34 2.05 22.43 -15.61
N GLU B 35 2.51 21.18 -15.42
CA GLU B 35 3.59 20.66 -16.26
C GLU B 35 3.08 19.53 -17.18
N ILE B 36 1.75 19.54 -17.45
CA ILE B 36 1.09 18.54 -18.29
C ILE B 36 1.54 18.70 -19.76
N GLU B 37 2.33 19.73 -20.09
CA GLU B 37 2.94 19.84 -21.45
C GLU B 37 4.25 19.01 -21.57
N TYR B 38 4.88 18.71 -20.43
CA TYR B 38 6.08 17.75 -20.42
C TYR B 38 5.70 16.28 -20.63
N ILE B 39 6.66 15.44 -21.03
CA ILE B 39 6.53 13.98 -20.87
C ILE B 39 7.49 13.54 -19.80
N PHE B 40 6.99 12.76 -18.84
CA PHE B 40 7.91 12.30 -17.80
C PHE B 40 8.13 10.82 -17.91
N LYS B 41 9.34 10.39 -17.61
CA LYS B 41 9.65 8.95 -17.58
C LYS B 41 10.38 8.71 -16.27
N PRO B 42 9.87 7.81 -15.42
CA PRO B 42 8.56 7.19 -15.50
C PRO B 42 7.49 8.22 -15.34
N SER B 43 6.25 7.84 -15.65
CA SER B 43 5.16 8.83 -15.62
C SER B 43 4.47 8.90 -14.20
N CYS B 44 4.83 7.95 -13.32
CA CYS B 44 4.22 7.86 -12.02
C CYS B 44 5.34 7.58 -11.04
N VAL B 45 5.14 7.91 -9.74
CA VAL B 45 6.21 7.68 -8.77
C VAL B 45 5.66 7.02 -7.50
N PRO B 46 6.48 6.27 -6.75
CA PRO B 46 5.93 5.67 -5.50
C PRO B 46 6.07 6.66 -4.36
N LEU B 47 4.94 7.01 -3.76
CA LEU B 47 4.95 8.01 -2.66
C LEU B 47 4.19 7.37 -1.46
N MET B 48 4.69 7.62 -0.27
CA MET B 48 3.95 7.18 0.93
CA MET B 48 3.94 7.21 0.96
C MET B 48 2.78 8.14 1.09
N ARG B 49 1.54 7.61 1.10
CA ARG B 49 0.36 8.42 1.17
C ARG B 49 -0.57 7.71 2.24
N CYS B 50 -1.33 8.51 2.94
CA CYS B 50 -2.38 7.91 3.91
C CYS B 50 -3.35 7.05 3.14
N GLY B 51 -3.61 5.83 3.65
CA GLY B 51 -4.44 4.88 2.93
C GLY B 51 -5.15 3.97 3.94
N GLY B 52 -6.13 3.17 3.48
CA GLY B 52 -6.77 2.27 4.45
C GLY B 52 -8.00 2.88 5.02
N CYS B 53 -8.50 2.30 6.11
CA CYS B 53 -9.85 2.60 6.53
C CYS B 53 -9.89 3.01 7.98
N CYS B 54 -10.90 3.83 8.31
CA CYS B 54 -11.13 4.19 9.70
C CYS B 54 -12.33 3.44 10.25
N ASN B 55 -13.02 2.64 9.43
CA ASN B 55 -14.11 1.72 9.96
C ASN B 55 -15.24 2.47 10.71
N ASP B 56 -15.73 3.48 10.04
CA ASP B 56 -16.73 4.39 10.56
C ASP B 56 -16.92 5.34 9.43
N GLU B 57 -18.12 5.31 8.85
CA GLU B 57 -18.40 6.14 7.69
C GLU B 57 -18.23 7.65 7.98
N GLY B 58 -18.25 8.05 9.26
CA GLY B 58 -18.09 9.48 9.57
C GLY B 58 -16.64 9.98 9.69
N LEU B 59 -15.69 9.06 9.61
CA LEU B 59 -14.26 9.43 9.79
C LEU B 59 -13.50 9.27 8.50
N GLU B 60 -12.42 10.03 8.28
CA GLU B 60 -11.63 9.85 7.06
C GLU B 60 -10.16 9.84 7.46
N CYS B 61 -9.37 9.15 6.62
CA CYS B 61 -7.99 8.87 6.98
C CYS B 61 -7.18 10.03 6.25
N VAL B 62 -6.51 10.85 7.03
CA VAL B 62 -5.85 12.04 6.46
C VAL B 62 -4.48 12.18 7.08
N PRO B 63 -3.52 12.89 6.42
CA PRO B 63 -2.22 13.03 6.99
C PRO B 63 -2.08 14.04 8.15
N THR B 64 -1.25 13.69 9.13
CA THR B 64 -0.89 14.65 10.17
C THR B 64 0.53 15.12 10.08
N GLU B 65 1.34 14.45 9.23
CA GLU B 65 2.77 14.86 9.16
C GLU B 65 3.19 14.60 7.70
N GLU B 66 3.88 15.58 7.10
CA GLU B 66 4.32 15.37 5.76
C GLU B 66 5.80 15.62 5.65
N SER B 67 6.35 15.18 4.52
CA SER B 67 7.78 15.40 4.31
C SER B 67 8.04 15.42 2.81
N ASN B 68 9.29 15.69 2.42
CA ASN B 68 9.56 15.79 0.97
C ASN B 68 10.49 14.71 0.59
N ILE B 69 10.32 14.19 -0.61
CA ILE B 69 11.31 13.21 -1.12
C ILE B 69 11.67 13.76 -2.53
N THR B 70 12.90 13.48 -2.92
CA THR B 70 13.38 14.01 -4.26
C THR B 70 13.74 12.84 -5.14
N MET B 71 13.28 12.85 -6.40
CA MET B 71 13.46 11.67 -7.25
C MET B 71 14.04 12.16 -8.58
N GLN B 72 14.97 11.40 -9.15
CA GLN B 72 15.40 11.73 -10.56
C GLN B 72 14.35 11.26 -11.54
N ILE B 73 13.85 12.15 -12.43
CA ILE B 73 12.85 11.84 -13.43
C ILE B 73 13.38 12.35 -14.79
N MET B 74 13.20 11.54 -15.82
CA MET B 74 13.50 12.09 -17.18
C MET B 74 12.41 13.06 -17.57
N ARG B 75 12.81 14.29 -17.85
CA ARG B 75 11.85 15.32 -18.19
C ARG B 75 12.03 15.69 -19.66
N ILE B 76 10.98 15.50 -20.42
CA ILE B 76 11.02 15.63 -21.90
C ILE B 76 10.21 16.89 -22.11
N LYS B 77 10.94 17.93 -22.51
CA LYS B 77 10.35 19.26 -22.67
C LYS B 77 10.02 19.47 -24.17
N PRO B 78 8.77 19.89 -24.48
CA PRO B 78 8.33 20.08 -25.90
C PRO B 78 9.36 20.96 -26.63
N HIS B 79 10.02 20.39 -27.66
CA HIS B 79 10.88 21.14 -28.59
C HIS B 79 12.17 21.67 -28.00
N GLN B 80 12.56 21.17 -26.82
CA GLN B 80 13.73 21.74 -26.14
C GLN B 80 14.67 20.67 -25.62
N GLY B 81 14.30 19.41 -25.86
CA GLY B 81 15.20 18.34 -25.55
C GLY B 81 14.73 17.72 -24.23
N GLN B 82 15.67 17.13 -23.50
CA GLN B 82 15.31 16.27 -22.34
C GLN B 82 16.46 16.17 -21.43
N HIS B 83 16.17 15.89 -20.15
CA HIS B 83 17.22 15.56 -19.28
C HIS B 83 16.62 14.88 -18.04
N ILE B 84 17.48 14.27 -17.27
CA ILE B 84 17.12 13.85 -15.88
C ILE B 84 17.15 15.10 -15.01
N GLY B 85 16.05 15.35 -14.28
CA GLY B 85 16.03 16.51 -13.38
C GLY B 85 15.53 15.97 -12.04
N GLU B 86 15.86 16.65 -10.96
CA GLU B 86 15.48 16.12 -9.65
C GLU B 86 14.14 16.82 -9.35
N MET B 87 13.13 16.07 -8.91
CA MET B 87 11.80 16.67 -8.74
C MET B 87 11.42 16.34 -7.30
N SER B 88 10.79 17.29 -6.62
CA SER B 88 10.48 17.00 -5.20
C SER B 88 9.01 16.65 -5.12
N PHE B 89 8.69 15.79 -4.13
CA PHE B 89 7.32 15.30 -4.07
C PHE B 89 6.96 15.22 -2.58
N LEU B 90 5.68 15.36 -2.30
CA LEU B 90 5.23 15.30 -0.88
C LEU B 90 4.88 13.87 -0.49
N GLN B 91 5.33 13.48 0.71
CA GLN B 91 5.03 12.19 1.28
C GLN B 91 4.24 12.43 2.60
N HIS B 92 3.45 11.46 2.97
CA HIS B 92 2.82 11.41 4.33
C HIS B 92 3.54 10.48 5.24
N ASN B 93 3.89 10.96 6.40
CA ASN B 93 4.59 10.15 7.38
C ASN B 93 3.73 9.55 8.46
N LYS B 94 2.59 10.19 8.69
CA LYS B 94 1.72 9.84 9.77
C LYS B 94 0.32 10.22 9.35
N CYS B 95 -0.69 9.48 9.84
CA CYS B 95 -2.08 9.69 9.47
C CYS B 95 -2.97 9.66 10.69
N GLU B 96 -4.19 10.14 10.53
CA GLU B 96 -5.15 10.06 11.68
C GLU B 96 -6.49 9.78 11.08
N CYS B 97 -7.44 9.30 11.95
CA CYS B 97 -8.77 9.17 11.53
C CYS B 97 -9.54 10.34 12.20
N ARG B 98 -10.12 11.22 11.38
CA ARG B 98 -10.85 12.33 11.95
C ARG B 98 -12.14 12.58 11.18
N PRO B 99 -13.02 13.45 11.73
CA PRO B 99 -14.34 13.68 11.05
C PRO B 99 -14.29 14.13 9.56
N LYS B 100 -15.18 13.63 8.72
CA LYS B 100 -15.41 14.17 7.36
C LYS B 100 -16.12 15.55 7.50
N LYS B 101 -16.01 16.41 6.50
CA LYS B 101 -16.80 17.69 6.43
C LYS B 101 -15.90 18.93 6.30
N HIS C 5 18.77 8.06 1.39
CA HIS C 5 19.73 8.81 0.49
C HIS C 5 19.18 10.17 0.17
N GLU C 6 20.01 11.11 -0.33
CA GLU C 6 19.54 12.47 -0.68
C GLU C 6 18.47 12.44 -1.75
N VAL C 7 18.61 11.53 -2.68
CA VAL C 7 17.77 11.55 -3.87
C VAL C 7 17.56 10.08 -4.22
N VAL C 8 16.41 9.77 -4.81
CA VAL C 8 16.16 8.44 -5.27
C VAL C 8 16.68 8.51 -6.70
N LYS C 9 17.69 7.70 -7.02
CA LYS C 9 18.23 7.80 -8.38
C LYS C 9 17.30 7.20 -9.46
N PHE C 10 17.50 7.68 -10.68
CA PHE C 10 16.59 7.44 -11.79
C PHE C 10 16.25 5.96 -11.99
N MET C 11 17.26 5.07 -12.05
CA MET C 11 16.89 3.70 -12.35
C MET C 11 16.08 3.06 -11.20
N ASP C 12 16.32 3.48 -9.96
CA ASP C 12 15.54 3.00 -8.79
C ASP C 12 14.10 3.46 -8.87
N VAL C 13 13.91 4.75 -9.19
CA VAL C 13 12.52 5.29 -9.42
C VAL C 13 11.82 4.47 -10.49
N TYR C 14 12.48 4.24 -11.62
CA TYR C 14 11.87 3.53 -12.74
C TYR C 14 11.47 2.10 -12.34
N GLN C 15 12.36 1.43 -11.65
CA GLN C 15 12.12 0.04 -11.27
C GLN C 15 10.94 0.00 -10.27
N ARG C 16 10.89 0.96 -9.35
CA ARG C 16 9.86 0.96 -8.32
C ARG C 16 8.48 1.33 -8.83
N SER C 17 8.38 2.10 -9.93
CA SER C 17 7.13 2.58 -10.46
C SER C 17 6.54 1.67 -11.55
N TYR C 18 7.40 0.86 -12.17
CA TYR C 18 7.02 0.12 -13.34
C TYR C 18 6.04 -0.98 -12.93
N CYS C 19 5.04 -1.08 -13.75
CA CYS C 19 3.95 -2.11 -13.64
C CYS C 19 4.27 -3.34 -12.84
N HIS C 20 3.62 -3.55 -11.66
CA HIS C 20 3.90 -4.74 -10.86
C HIS C 20 2.79 -4.81 -9.78
N PRO C 21 2.72 -5.93 -9.06
CA PRO C 21 1.59 -5.97 -8.09
C PRO C 21 1.98 -5.18 -6.87
N ILE C 22 1.05 -4.40 -6.37
CA ILE C 22 1.39 -3.59 -5.20
C ILE C 22 0.27 -3.64 -4.20
N GLU C 23 0.67 -3.61 -2.94
CA GLU C 23 -0.37 -3.70 -1.85
C GLU C 23 -1.28 -2.51 -2.00
N THR C 24 -2.62 -2.73 -2.10
CA THR C 24 -3.58 -1.69 -2.30
C THR C 24 -4.69 -1.93 -1.20
N LEU C 25 -5.22 -0.88 -0.60
CA LEU C 25 -6.19 -1.09 0.47
C LEU C 25 -7.49 -0.78 -0.24
N VAL C 26 -8.32 -1.81 -0.42
CA VAL C 26 -9.47 -1.71 -1.24
C VAL C 26 -10.79 -1.78 -0.40
N ASP C 27 -11.71 -0.84 -0.58
CA ASP C 27 -13.01 -0.87 0.11
C ASP C 27 -13.76 -2.17 -0.21
N ILE C 28 -14.29 -2.85 0.83
CA ILE C 28 -14.95 -4.17 0.58
C ILE C 28 -16.16 -3.96 -0.39
N PHE C 29 -16.81 -2.81 -0.28
CA PHE C 29 -17.93 -2.53 -1.19
C PHE C 29 -17.55 -2.43 -2.63
N GLN C 30 -16.30 -2.14 -2.93
CA GLN C 30 -15.90 -2.14 -4.31
C GLN C 30 -15.90 -3.55 -4.86
N GLU C 31 -15.60 -4.54 -4.00
CA GLU C 31 -15.48 -5.91 -4.48
C GLU C 31 -16.86 -6.62 -4.38
N TYR C 32 -17.70 -6.18 -3.42
CA TYR C 32 -19.03 -6.76 -3.17
C TYR C 32 -20.08 -5.61 -3.21
N PRO C 33 -20.33 -5.05 -4.41
CA PRO C 33 -21.09 -3.76 -4.48
C PRO C 33 -22.54 -3.87 -4.14
N ASP C 34 -23.07 -5.07 -4.13
CA ASP C 34 -24.47 -5.22 -3.72
C ASP C 34 -24.63 -5.51 -2.24
N GLU C 35 -23.51 -5.65 -1.51
CA GLU C 35 -23.61 -5.88 -0.06
C GLU C 35 -23.53 -4.54 0.72
N ILE C 36 -23.98 -3.44 0.10
CA ILE C 36 -23.94 -2.13 0.72
C ILE C 36 -24.89 -1.93 1.90
N GLU C 37 -25.74 -2.93 2.17
CA GLU C 37 -26.54 -2.85 3.44
C GLU C 37 -25.88 -3.43 4.66
N TYR C 38 -24.73 -4.07 4.45
CA TYR C 38 -24.00 -4.54 5.57
C TYR C 38 -23.03 -3.47 6.05
N ILE C 39 -22.53 -3.62 7.28
CA ILE C 39 -21.38 -2.81 7.70
C ILE C 39 -20.27 -3.85 7.89
N PHE C 40 -19.09 -3.59 7.33
CA PHE C 40 -17.97 -4.57 7.52
C PHE C 40 -16.91 -3.98 8.41
N LYS C 41 -16.27 -4.81 9.27
CA LYS C 41 -15.11 -4.32 9.97
C LYS C 41 -14.03 -5.37 9.76
N PRO C 42 -12.82 -4.94 9.33
CA PRO C 42 -12.60 -3.62 8.82
C PRO C 42 -13.41 -3.41 7.52
N SER C 43 -13.52 -2.17 7.08
CA SER C 43 -14.32 -1.82 5.88
C SER C 43 -13.52 -1.97 4.55
N CYS C 44 -12.21 -2.18 4.68
CA CYS C 44 -11.31 -2.30 3.47
C CYS C 44 -10.34 -3.39 3.76
N VAL C 45 -9.68 -3.90 2.74
CA VAL C 45 -8.78 -5.05 2.96
C VAL C 45 -7.50 -4.78 2.12
N PRO C 46 -6.43 -5.38 2.52
CA PRO C 46 -5.15 -5.24 1.74
C PRO C 46 -5.09 -6.32 0.65
N LEU C 47 -5.06 -5.90 -0.61
CA LEU C 47 -5.08 -6.83 -1.76
C LEU C 47 -3.89 -6.41 -2.63
N MET C 48 -3.14 -7.40 -3.11
CA MET C 48 -2.09 -7.14 -4.13
CA MET C 48 -2.09 -7.20 -4.16
C MET C 48 -2.81 -6.93 -5.47
N ARG C 49 -2.61 -5.75 -6.11
CA ARG C 49 -3.21 -5.47 -7.35
C ARG C 49 -2.18 -4.84 -8.36
N CYS C 50 -2.35 -5.15 -9.62
CA CYS C 50 -1.41 -4.50 -10.63
C CYS C 50 -1.50 -2.98 -10.56
N GLY C 51 -0.38 -2.31 -10.43
CA GLY C 51 -0.39 -0.85 -10.44
C GLY C 51 0.98 -0.33 -10.90
N GLY C 52 1.11 0.99 -10.89
CA GLY C 52 2.37 1.55 -11.44
C GLY C 52 2.07 1.92 -12.88
N CYS C 53 3.15 2.18 -13.63
CA CYS C 53 3.00 2.76 -14.94
C CYS C 53 3.73 1.94 -16.01
N CYS C 54 3.19 2.04 -17.21
CA CYS C 54 3.88 1.41 -18.38
C CYS C 54 4.57 2.48 -19.25
N ASN C 55 4.33 3.76 -18.95
CA ASN C 55 5.07 4.90 -19.61
C ASN C 55 5.00 4.87 -21.14
N ASP C 56 3.82 4.61 -21.66
CA ASP C 56 3.66 4.49 -23.08
C ASP C 56 2.19 4.36 -23.24
N GLU C 57 1.55 5.40 -23.78
CA GLU C 57 0.09 5.39 -23.93
C GLU C 57 -0.42 4.18 -24.73
N GLY C 58 0.48 3.53 -25.46
CA GLY C 58 0.14 2.27 -26.10
C GLY C 58 -0.04 1.04 -25.20
N LEU C 59 0.13 1.19 -23.88
CA LEU C 59 0.23 0.01 -23.01
C LEU C 59 -0.53 0.19 -21.71
N GLU C 60 -1.12 -0.88 -21.18
CA GLU C 60 -1.77 -0.84 -19.85
C GLU C 60 -1.24 -1.98 -19.00
N CYS C 61 -1.23 -1.76 -17.68
CA CYS C 61 -0.65 -2.67 -16.76
C CYS C 61 -1.78 -3.60 -16.37
N VAL C 62 -1.67 -4.90 -16.65
CA VAL C 62 -2.83 -5.78 -16.47
C VAL C 62 -2.32 -7.09 -15.86
N PRO C 63 -3.22 -7.84 -15.17
CA PRO C 63 -2.79 -9.03 -14.51
C PRO C 63 -2.53 -10.23 -15.45
N THR C 64 -1.51 -11.00 -15.22
CA THR C 64 -1.36 -12.28 -15.94
C THR C 64 -1.38 -13.48 -14.99
N GLU C 65 -1.36 -13.24 -13.68
CA GLU C 65 -1.59 -14.34 -12.74
C GLU C 65 -2.44 -13.72 -11.63
N GLU C 66 -3.50 -14.42 -11.21
CA GLU C 66 -4.37 -13.96 -10.15
C GLU C 66 -4.62 -15.10 -9.17
N SER C 67 -4.97 -14.74 -7.93
CA SER C 67 -5.15 -15.78 -6.99
C SER C 67 -6.33 -15.34 -6.08
N ASN C 68 -6.87 -16.25 -5.35
CA ASN C 68 -7.95 -15.84 -4.48
CA ASN C 68 -8.00 -15.97 -4.42
C ASN C 68 -7.44 -15.93 -3.02
N ILE C 69 -7.93 -15.04 -2.15
CA ILE C 69 -7.42 -15.03 -0.81
C ILE C 69 -8.65 -14.93 0.07
N THR C 70 -8.67 -15.64 1.19
CA THR C 70 -9.85 -15.62 2.06
C THR C 70 -9.47 -14.91 3.32
N MET C 71 -10.34 -14.01 3.84
CA MET C 71 -9.99 -13.23 5.01
C MET C 71 -11.20 -13.29 5.95
N GLN C 72 -10.94 -13.35 7.23
CA GLN C 72 -12.02 -13.14 8.24
C GLN C 72 -12.44 -11.68 8.37
N ILE C 73 -13.73 -11.39 8.11
CA ILE C 73 -14.22 -10.03 8.19
C ILE C 73 -15.45 -10.06 9.14
N MET C 74 -15.59 -9.06 10.02
CA MET C 74 -16.84 -8.95 10.86
C MET C 74 -17.97 -8.40 9.89
N ARG C 75 -19.05 -9.15 9.73
CA ARG C 75 -20.11 -8.76 8.82
C ARG C 75 -21.27 -8.46 9.72
N ILE C 76 -21.74 -7.23 9.68
CA ILE C 76 -22.80 -6.76 10.58
C ILE C 76 -24.04 -6.52 9.73
N LYS C 77 -25.16 -7.17 10.08
CA LYS C 77 -26.51 -6.79 9.51
C LYS C 77 -27.20 -5.89 10.56
N PRO C 78 -27.29 -4.58 10.34
CA PRO C 78 -27.62 -3.81 11.58
C PRO C 78 -29.03 -4.15 12.15
N HIS C 79 -29.16 -4.11 13.47
CA HIS C 79 -30.34 -4.64 14.19
C HIS C 79 -30.74 -6.06 13.92
N GLN C 80 -29.87 -6.84 13.27
CA GLN C 80 -30.19 -8.23 13.04
C GLN C 80 -29.21 -9.17 13.71
N GLY C 81 -27.93 -9.06 13.34
CA GLY C 81 -26.96 -10.03 13.93
C GLY C 81 -25.58 -9.64 13.36
N GLN C 82 -24.52 -10.34 13.81
CA GLN C 82 -23.16 -10.04 13.25
C GLN C 82 -22.35 -11.32 13.43
N HIS C 83 -21.22 -11.47 12.73
CA HIS C 83 -20.32 -12.62 13.00
C HIS C 83 -19.09 -12.34 12.21
N ILE C 84 -18.02 -13.01 12.58
CA ILE C 84 -16.86 -13.01 11.66
C ILE C 84 -17.11 -14.14 10.65
N GLY C 85 -17.06 -13.80 9.36
CA GLY C 85 -17.26 -14.83 8.34
C GLY C 85 -16.06 -14.76 7.40
N GLU C 86 -15.95 -15.76 6.59
CA GLU C 86 -14.83 -15.75 5.57
C GLU C 86 -15.35 -15.12 4.31
N MET C 87 -14.53 -14.18 3.76
CA MET C 87 -14.87 -13.52 2.47
C MET C 87 -13.69 -13.79 1.56
N SER C 88 -14.02 -14.06 0.31
CA SER C 88 -13.00 -14.32 -0.72
C SER C 88 -12.69 -13.05 -1.48
N PHE C 89 -11.39 -12.82 -1.78
CA PHE C 89 -11.11 -11.66 -2.63
C PHE C 89 -10.10 -12.07 -3.67
N LEU C 90 -10.17 -11.41 -4.82
CA LEU C 90 -9.14 -11.67 -5.90
C LEU C 90 -7.88 -10.82 -5.74
N GLN C 91 -6.69 -11.44 -5.84
CA GLN C 91 -5.44 -10.66 -5.82
C GLN C 91 -4.71 -10.88 -7.17
N HIS C 92 -3.73 -10.00 -7.41
CA HIS C 92 -2.90 -10.21 -8.64
C HIS C 92 -1.49 -10.58 -8.18
N ASN C 93 -0.85 -11.54 -8.85
CA ASN C 93 0.48 -12.05 -8.48
C ASN C 93 1.55 -11.65 -9.47
N LYS C 94 1.12 -11.39 -10.69
CA LYS C 94 2.03 -11.05 -11.84
C LYS C 94 1.29 -10.12 -12.75
N CYS C 95 2.02 -9.16 -13.35
CA CYS C 95 1.35 -8.20 -14.20
C CYS C 95 2.24 -8.04 -15.47
N GLU C 96 1.69 -7.44 -16.48
CA GLU C 96 2.52 -7.03 -17.62
C GLU C 96 1.90 -5.84 -18.31
N CYS C 97 2.73 -5.11 -19.06
CA CYS C 97 2.29 -4.00 -19.87
C CYS C 97 1.91 -4.53 -21.23
N ARG C 98 0.62 -4.42 -21.58
CA ARG C 98 0.13 -4.96 -22.85
C ARG C 98 -0.64 -3.91 -23.63
N PRO C 99 -0.64 -4.03 -24.99
CA PRO C 99 -1.18 -3.00 -25.92
C PRO C 99 -2.57 -2.38 -25.66
N VAL D 9 23.35 -7.89 -18.06
CA VAL D 9 23.75 -6.68 -18.86
C VAL D 9 23.71 -5.38 -18.06
N SER D 10 23.14 -5.41 -16.85
CA SER D 10 23.15 -4.22 -15.99
C SER D 10 24.58 -3.73 -15.71
N GLY D 11 24.69 -2.50 -15.22
CA GLY D 11 25.96 -1.85 -14.89
C GLY D 11 26.25 -0.70 -15.83
N THR D 12 27.42 -0.06 -15.68
CA THR D 12 27.84 0.92 -16.69
C THR D 12 28.55 0.22 -17.81
N TRP D 13 28.17 0.62 -19.01
CA TRP D 13 28.81 0.22 -20.22
C TRP D 13 29.14 1.51 -20.87
N TYR D 14 30.23 1.52 -21.65
CA TYR D 14 30.62 2.70 -22.44
C TYR D 14 30.43 2.28 -23.89
N LEU D 15 30.01 3.23 -24.73
CA LEU D 15 29.61 2.89 -26.08
C LEU D 15 30.92 2.78 -26.86
N LYS D 16 31.04 1.68 -27.63
CA LYS D 16 32.19 1.50 -28.56
C LYS D 16 31.85 1.88 -29.99
N ALA D 17 30.59 1.74 -30.37
CA ALA D 17 30.11 1.87 -31.76
C ALA D 17 28.62 1.62 -31.74
N MET D 18 27.87 2.33 -32.59
CA MET D 18 26.45 2.04 -32.73
C MET D 18 26.02 2.55 -34.07
N THR D 19 24.84 2.15 -34.54
CA THR D 19 24.45 2.34 -35.93
C THR D 19 23.53 3.51 -35.96
N VAL D 20 23.90 4.56 -35.25
CA VAL D 20 22.99 5.68 -35.07
C VAL D 20 23.75 6.98 -35.31
N ASP D 21 23.03 7.99 -35.81
CA ASP D 21 23.57 9.33 -35.96
C ASP D 21 23.50 10.06 -34.63
N VAL D 22 24.64 10.18 -33.96
CA VAL D 22 24.71 10.92 -32.69
C VAL D 22 24.23 12.35 -32.91
N GLY D 23 24.70 13.00 -33.97
CA GLY D 23 24.31 14.37 -34.28
C GLY D 23 24.65 15.19 -33.07
N ALA D 24 23.71 16.03 -32.65
CA ALA D 24 23.91 16.92 -31.51
C ALA D 24 23.60 16.23 -30.16
N LEU D 25 23.18 14.97 -30.20
CA LEU D 25 22.76 14.20 -29.01
C LEU D 25 23.68 14.16 -27.82
N ARG D 26 23.11 14.44 -26.64
CA ARG D 26 23.88 14.35 -25.43
C ARG D 26 23.16 13.35 -24.48
N CYS D 27 21.87 13.20 -24.68
CA CYS D 27 21.08 12.37 -23.70
C CYS D 27 20.40 11.26 -24.48
N LEU D 28 20.96 10.08 -24.29
CA LEU D 28 20.44 8.87 -24.87
C LEU D 28 19.80 8.04 -23.80
N ALA D 29 18.54 7.67 -24.01
CA ALA D 29 17.81 6.91 -22.98
C ALA D 29 16.62 6.20 -23.62
N GLY D 30 16.01 5.26 -22.89
CA GLY D 30 14.85 4.60 -23.46
C GLY D 30 14.59 3.33 -22.67
N SER D 31 13.67 2.55 -23.17
CA SER D 31 13.17 1.38 -22.48
C SER D 31 13.10 0.37 -23.63
N VAL D 32 13.89 -0.69 -23.58
CA VAL D 32 13.90 -1.59 -24.74
C VAL D 32 13.93 -3.06 -24.39
N ILE D 33 13.38 -3.85 -25.30
CA ILE D 33 13.54 -5.31 -25.30
C ILE D 33 14.48 -5.67 -26.47
N PRO D 34 15.75 -6.02 -26.18
CA PRO D 34 16.65 -6.25 -27.31
C PRO D 34 16.29 -7.56 -28.04
N THR D 35 16.42 -7.55 -29.38
CA THR D 35 16.44 -8.78 -30.16
C THR D 35 17.65 -9.64 -29.78
N THR D 36 18.85 -9.06 -29.71
CA THR D 36 20.02 -9.86 -29.31
C THR D 36 21.06 -9.22 -28.41
N LEU D 37 21.86 -10.07 -27.77
CA LEU D 37 22.76 -9.62 -26.74
C LEU D 37 23.98 -10.53 -26.61
N THR D 38 24.81 -10.51 -27.64
CA THR D 38 25.96 -11.41 -27.76
C THR D 38 27.29 -10.83 -27.32
N THR D 39 28.34 -11.65 -27.40
CA THR D 39 29.73 -11.21 -27.17
C THR D 39 30.60 -11.51 -28.40
N ASN D 44 33.23 -7.32 -24.47
CA ASN D 44 32.30 -6.57 -25.31
C ASN D 44 30.87 -7.10 -25.30
N LEU D 45 29.96 -6.32 -25.91
CA LEU D 45 28.54 -6.64 -25.99
C LEU D 45 27.92 -5.99 -27.20
N GLU D 46 27.39 -6.78 -28.11
CA GLU D 46 26.58 -6.22 -29.15
C GLU D 46 25.15 -6.35 -28.75
N ALA D 47 24.38 -5.31 -28.99
CA ALA D 47 22.97 -5.34 -28.72
C ALA D 47 22.29 -5.01 -30.01
N LYS D 48 21.18 -5.68 -30.29
CA LYS D 48 20.43 -5.44 -31.51
C LYS D 48 18.96 -5.15 -31.16
N VAL D 49 18.45 -3.98 -31.56
CA VAL D 49 17.09 -3.57 -31.17
C VAL D 49 16.33 -2.89 -32.32
N THR D 50 15.21 -3.47 -32.75
CA THR D 50 14.40 -2.91 -33.84
C THR D 50 13.12 -2.29 -33.28
N GLU D 59 16.16 -1.23 -37.60
CA GLU D 59 16.86 -1.92 -36.52
C GLU D 59 18.12 -1.15 -36.11
N VAL D 60 18.50 -1.28 -34.83
CA VAL D 60 19.65 -0.56 -34.29
C VAL D 60 20.61 -1.58 -33.71
N LYS D 61 21.89 -1.46 -34.06
CA LYS D 61 22.90 -2.28 -33.46
C LYS D 61 23.82 -1.38 -32.67
N ALA D 62 24.41 -1.91 -31.61
CA ALA D 62 25.35 -1.13 -30.85
C ALA D 62 26.28 -2.06 -30.13
N VAL D 63 27.53 -1.64 -29.98
CA VAL D 63 28.53 -2.42 -29.25
C VAL D 63 29.03 -1.63 -28.06
N LEU D 64 29.32 -2.29 -26.95
CA LEU D 64 29.64 -1.56 -25.73
C LEU D 64 30.68 -2.31 -24.90
N SER D 65 31.52 -1.60 -24.15
CA SER D 65 32.47 -2.29 -23.26
C SER D 65 32.50 -1.68 -21.88
N LYS D 66 33.02 -2.43 -20.91
CA LYS D 66 33.32 -1.83 -19.61
C LYS D 66 34.49 -0.80 -19.68
N THR D 67 34.97 -0.50 -20.90
CA THR D 67 36.16 0.37 -21.18
C THR D 67 35.88 1.55 -22.14
N ASP D 68 36.68 2.63 -22.05
CA ASP D 68 36.44 3.90 -22.80
C ASP D 68 37.07 4.10 -24.20
N GLU D 69 36.47 5.01 -24.96
CA GLU D 69 36.84 5.31 -26.36
C GLU D 69 37.15 6.81 -26.60
N PRO D 70 38.37 7.24 -26.22
CA PRO D 70 38.75 8.65 -26.09
C PRO D 70 38.15 9.55 -27.18
N GLY D 71 37.43 10.57 -26.76
CA GLY D 71 36.99 11.65 -27.66
C GLY D 71 35.94 11.33 -28.69
N ILE D 72 35.19 10.23 -28.55
CA ILE D 72 34.16 9.88 -29.55
C ILE D 72 32.69 9.81 -29.07
N TYR D 73 32.44 9.21 -27.96
CA TYR D 73 31.06 9.35 -27.55
C TYR D 73 30.95 10.24 -26.35
N THR D 74 31.98 11.06 -26.19
CA THR D 74 32.33 11.62 -24.89
C THR D 74 31.25 12.55 -24.29
N ALA D 75 30.49 13.22 -25.15
CA ALA D 75 29.41 14.10 -24.80
C ALA D 75 28.21 13.23 -24.32
N ILE D 76 28.11 12.01 -24.85
CA ILE D 76 26.96 11.15 -24.55
C ILE D 76 27.20 10.57 -23.19
N GLY D 77 28.46 10.25 -22.91
CA GLY D 77 28.90 9.66 -21.63
C GLY D 77 28.61 8.18 -21.49
N GLY D 78 29.04 7.59 -20.37
CA GLY D 78 28.70 6.19 -20.07
C GLY D 78 27.19 5.95 -20.14
N ILE D 79 26.84 4.65 -20.31
CA ILE D 79 25.47 4.18 -20.51
C ILE D 79 25.19 3.29 -19.35
N HIS D 80 24.16 3.69 -18.59
CA HIS D 80 23.81 2.97 -17.40
C HIS D 80 22.60 2.19 -17.77
N VAL D 81 22.60 0.92 -17.40
CA VAL D 81 21.64 -0.08 -17.89
C VAL D 81 21.17 -0.83 -16.65
N ALA D 82 19.86 -0.99 -16.55
CA ALA D 82 19.28 -1.75 -15.44
C ALA D 82 18.10 -2.52 -15.97
N LYS D 83 17.85 -3.67 -15.37
CA LYS D 83 16.79 -4.55 -15.82
C LYS D 83 15.48 -4.12 -15.11
N ILE D 84 14.37 -4.08 -15.84
CA ILE D 84 13.09 -3.72 -15.22
C ILE D 84 12.10 -4.83 -15.43
N GLY D 85 11.09 -4.89 -14.56
CA GLY D 85 10.18 -6.04 -14.52
C GLY D 85 10.60 -7.04 -13.45
N ARG D 86 9.62 -7.66 -12.78
CA ARG D 86 9.88 -8.71 -11.80
C ARG D 86 9.79 -10.07 -12.49
N SER D 87 10.86 -10.85 -12.35
CA SER D 87 11.07 -12.15 -13.05
C SER D 87 9.88 -12.74 -13.82
N ASP D 91 14.92 -9.65 -19.96
CA ASP D 91 15.12 -8.99 -21.24
C ASP D 91 14.37 -7.63 -21.47
N HIS D 92 13.95 -6.95 -20.39
CA HIS D 92 13.47 -5.54 -20.40
C HIS D 92 14.43 -4.66 -19.65
N TYR D 93 15.04 -3.74 -20.40
CA TYR D 93 16.08 -2.92 -19.85
C TYR D 93 15.67 -1.47 -20.00
N ILE D 94 16.10 -0.66 -19.05
CA ILE D 94 16.04 0.74 -19.33
C ILE D 94 17.48 1.26 -19.32
N PHE D 95 17.71 2.37 -19.99
CA PHE D 95 19.06 2.93 -19.98
C PHE D 95 19.02 4.42 -20.10
N TYR D 96 20.09 5.03 -19.64
CA TYR D 96 20.26 6.47 -19.85
C TYR D 96 21.76 6.72 -20.00
N SER D 97 22.09 7.79 -20.74
CA SER D 97 23.50 8.20 -20.85
C SER D 97 23.88 9.28 -19.80
N GLU D 98 25.15 9.31 -19.39
CA GLU D 98 25.62 10.28 -18.39
C GLU D 98 25.35 11.72 -18.75
N GLY D 99 25.26 11.99 -20.05
CA GLY D 99 24.98 13.32 -20.58
C GLY D 99 23.53 13.77 -20.31
N CYS D 100 22.71 12.83 -19.79
CA CYS D 100 21.28 13.16 -19.49
C CYS D 100 21.28 13.90 -18.16
N LEU D 101 22.38 13.74 -17.44
CA LEU D 101 22.54 14.29 -16.10
C LEU D 101 22.95 15.71 -16.09
N SER D 102 22.05 16.55 -16.59
CA SER D 102 22.24 17.98 -16.78
C SER D 102 21.15 18.76 -16.02
N GLY D 103 21.50 19.90 -15.43
CA GLY D 103 20.46 20.80 -14.93
C GLY D 103 19.55 21.40 -16.02
N VAL D 104 19.93 21.44 -17.29
CA VAL D 104 19.02 21.93 -18.29
C VAL D 104 18.76 20.87 -19.37
N PRO D 105 17.69 21.02 -20.14
CA PRO D 105 17.36 20.06 -21.19
C PRO D 105 18.50 20.14 -22.21
N VAL D 106 18.78 18.99 -22.84
CA VAL D 106 19.89 18.87 -23.85
C VAL D 106 19.33 18.02 -24.95
N PRO D 107 20.00 18.06 -26.13
CA PRO D 107 19.45 17.27 -27.21
C PRO D 107 19.48 15.80 -26.86
N GLY D 108 18.37 15.14 -27.12
CA GLY D 108 18.27 13.72 -26.81
C GLY D 108 17.13 13.01 -27.52
N VAL D 109 17.01 11.72 -27.22
CA VAL D 109 15.87 10.92 -27.62
C VAL D 109 15.56 9.90 -26.53
N TRP D 110 14.31 9.51 -26.56
CA TRP D 110 13.79 8.45 -25.68
C TRP D 110 13.46 7.26 -26.53
N LEU D 111 14.23 6.20 -26.46
CA LEU D 111 13.94 5.03 -27.31
C LEU D 111 12.96 4.08 -26.66
N VAL D 112 11.74 4.02 -27.21
CA VAL D 112 10.67 3.16 -26.65
C VAL D 112 10.39 1.87 -27.44
#